data_3U7Z
#
_entry.id   3U7Z
#
_cell.length_a   29.685
_cell.length_b   30.474
_cell.length_c   47.156
_cell.angle_alpha   73.130
_cell.angle_beta   83.790
_cell.angle_gamma   89.300
#
_symmetry.space_group_name_H-M   'P 1'
#
loop_
_entity.id
_entity.type
_entity.pdbx_description
1 polymer 'putative metal binding protein RUMGNA_00854'
2 non-polymer 'CALCIUM ION'
3 non-polymer 1,2-ETHANEDIOL
4 water water
#
_entity_poly.entity_id   1
_entity_poly.type   'polypeptide(L)'
_entity_poly.pdbx_seq_one_letter_code
;GASEGEKHITVTVIHGDQTENVFEFDTDAKYLGEVLESENLVDGESGEYGLFITTVDEETADDSKQQWWCITKGGEQVNT
SADQTPVSDGDAFELTLKEGY
;
_entity_poly.pdbx_strand_id   A,B
#
# COMPACT_ATOMS: atom_id res chain seq x y z
N GLY A 5 -11.26 3.37 19.21
CA GLY A 5 -12.64 2.88 19.45
C GLY A 5 -13.17 2.08 18.26
N GLU A 6 -14.17 1.25 18.53
CA GLU A 6 -14.78 0.43 17.47
C GLU A 6 -15.86 1.22 16.67
N LYS A 7 -15.73 1.20 15.36
CA LYS A 7 -16.62 1.85 14.41
C LYS A 7 -17.33 0.74 13.64
N HIS A 8 -18.57 0.99 13.29
CA HIS A 8 -19.37 0.02 12.54
C HIS A 8 -19.63 0.63 11.18
N ILE A 9 -19.10 -0.05 10.18
CA ILE A 9 -19.23 0.44 8.82
C ILE A 9 -19.67 -0.65 7.85
N THR A 10 -20.11 -0.20 6.69
CA THR A 10 -20.40 -1.16 5.61
C THR A 10 -19.63 -0.78 4.36
N VAL A 11 -19.21 -1.81 3.63
CA VAL A 11 -18.55 -1.66 2.34
C VAL A 11 -19.36 -2.50 1.38
N THR A 12 -19.89 -1.86 0.33
CA THR A 12 -20.63 -2.57 -0.71
C THR A 12 -19.79 -2.60 -1.96
N VAL A 13 -19.59 -3.80 -2.50
CA VAL A 13 -18.89 -4.00 -3.73
C VAL A 13 -19.89 -4.13 -4.86
N ILE A 14 -19.78 -3.27 -5.84
CA ILE A 14 -20.64 -3.30 -7.03
CA ILE A 14 -20.63 -3.25 -7.04
C ILE A 14 -19.79 -3.80 -8.20
N HIS A 15 -20.03 -5.05 -8.50
CA HIS A 15 -19.29 -5.79 -9.47
C HIS A 15 -19.63 -5.38 -10.91
N GLY A 16 -18.83 -5.92 -11.83
CA GLY A 16 -18.99 -5.66 -13.26
C GLY A 16 -20.33 -6.09 -13.81
N ASP A 17 -20.94 -7.15 -13.25
CA ASP A 17 -22.24 -7.66 -13.68
C ASP A 17 -23.42 -7.14 -12.83
N GLN A 18 -23.19 -6.06 -12.07
CA GLN A 18 -24.15 -5.44 -11.10
C GLN A 18 -24.45 -6.17 -9.82
N THR A 19 -23.90 -7.34 -9.61
CA THR A 19 -23.95 -8.03 -8.34
C THR A 19 -23.40 -7.07 -7.28
N GLU A 20 -24.13 -6.92 -6.21
CA GLU A 20 -23.72 -6.10 -5.07
C GLU A 20 -23.47 -7.06 -3.90
N ASN A 21 -22.28 -7.04 -3.37
CA ASN A 21 -21.97 -7.79 -2.15
C ASN A 21 -21.72 -6.80 -1.03
N VAL A 22 -22.41 -6.98 0.07
CA VAL A 22 -22.31 -6.05 1.18
C VAL A 22 -21.52 -6.72 2.29
N PHE A 23 -20.56 -5.97 2.80
CA PHE A 23 -19.69 -6.44 3.85
C PHE A 23 -19.78 -5.49 5.01
N GLU A 24 -19.95 -6.03 6.21
CA GLU A 24 -20.02 -5.20 7.42
CA GLU A 24 -20.07 -5.23 7.41
C GLU A 24 -18.75 -5.38 8.16
N PHE A 25 -18.20 -4.27 8.68
CA PHE A 25 -17.03 -4.33 9.53
C PHE A 25 -17.25 -3.61 10.86
N ASP A 26 -16.77 -4.24 11.91
CA ASP A 26 -16.69 -3.61 13.22
C ASP A 26 -15.18 -3.44 13.49
N THR A 27 -14.70 -2.20 13.46
CA THR A 27 -13.26 -1.97 13.27
C THR A 27 -12.79 -0.80 14.11
N ASP A 28 -11.53 -0.87 14.56
CA ASP A 28 -10.85 0.27 15.22
C ASP A 28 -9.85 0.93 14.27
N ALA A 29 -9.92 0.54 13.00
CA ALA A 29 -9.09 1.13 11.95
C ALA A 29 -9.33 2.62 11.77
N LYS A 30 -8.23 3.29 11.46
CA LYS A 30 -8.27 4.68 11.19
C LYS A 30 -8.63 4.86 9.74
N TYR A 31 -8.16 3.97 8.84
CA TYR A 31 -8.29 4.18 7.40
C TYR A 31 -8.93 3.04 6.67
N LEU A 32 -9.55 3.38 5.55
CA LEU A 32 -10.36 2.42 4.83
C LEU A 32 -9.54 1.27 4.29
N GLY A 33 -8.32 1.56 3.85
CA GLY A 33 -7.49 0.46 3.31
C GLY A 33 -7.19 -0.64 4.33
N GLU A 34 -6.99 -0.23 5.60
CA GLU A 34 -6.74 -1.16 6.68
CA GLU A 34 -6.76 -1.16 6.71
C GLU A 34 -7.96 -2.07 6.88
N VAL A 35 -9.14 -1.48 6.79
CA VAL A 35 -10.36 -2.23 6.92
C VAL A 35 -10.50 -3.24 5.78
N LEU A 36 -10.27 -2.78 4.56
CA LEU A 36 -10.44 -3.65 3.39
C LEU A 36 -9.47 -4.82 3.45
N GLU A 37 -8.23 -4.52 3.87
CA GLU A 37 -7.19 -5.56 3.88
C GLU A 37 -7.28 -6.48 5.08
N SER A 38 -8.10 -6.13 6.08
CA SER A 38 -8.24 -6.96 7.26
C SER A 38 -8.74 -8.33 6.94
N GLU A 39 -9.57 -8.42 5.89
CA GLU A 39 -10.15 -9.65 5.41
CA GLU A 39 -10.05 -9.72 5.46
C GLU A 39 -9.65 -10.00 4.01
N ASN A 40 -8.58 -9.35 3.55
CA ASN A 40 -8.12 -9.50 2.20
C ASN A 40 -9.25 -9.32 1.16
N LEU A 41 -10.03 -8.28 1.32
CA LEU A 41 -11.15 -8.01 0.38
C LEU A 41 -10.70 -7.35 -0.91
N VAL A 42 -9.50 -6.77 -0.90
CA VAL A 42 -8.93 -6.11 -2.05
C VAL A 42 -7.48 -6.51 -2.24
N ASP A 43 -7.00 -6.33 -3.46
CA ASP A 43 -5.56 -6.32 -3.74
C ASP A 43 -5.26 -4.99 -4.38
N GLY A 44 -4.15 -4.38 -3.94
CA GLY A 44 -3.70 -3.18 -4.52
C GLY A 44 -2.22 -3.06 -4.53
N GLU A 45 -1.77 -2.09 -5.28
CA GLU A 45 -0.34 -1.79 -5.36
C GLU A 45 -0.09 -0.37 -4.82
N SER A 46 1.03 -0.21 -4.14
CA SER A 46 1.44 1.11 -3.60
C SER A 46 1.83 2.01 -4.77
N GLY A 47 1.84 3.29 -4.51
CA GLY A 47 2.36 4.24 -5.46
C GLY A 47 2.31 5.62 -4.89
N GLU A 48 2.71 6.58 -5.69
CA GLU A 48 2.93 7.91 -5.12
C GLU A 48 1.68 8.65 -4.68
N TYR A 49 0.52 8.29 -5.23
CA TYR A 49 -0.74 8.91 -4.80
C TYR A 49 -1.52 7.99 -3.88
N GLY A 50 -0.92 6.93 -3.38
CA GLY A 50 -1.59 5.96 -2.54
C GLY A 50 -2.00 4.72 -3.28
N LEU A 51 -2.74 3.85 -2.60
CA LEU A 51 -3.04 2.53 -3.08
C LEU A 51 -3.84 2.57 -4.37
N PHE A 52 -3.40 1.79 -5.35
CA PHE A 52 -4.14 1.58 -6.58
C PHE A 52 -4.75 0.18 -6.46
N ILE A 53 -6.06 0.13 -6.29
CA ILE A 53 -6.83 -1.13 -6.10
C ILE A 53 -7.15 -1.70 -7.46
N THR A 54 -6.71 -2.93 -7.69
CA THR A 54 -6.87 -3.67 -8.92
C THR A 54 -7.95 -4.75 -8.81
N THR A 55 -8.09 -5.35 -7.63
CA THR A 55 -8.99 -6.46 -7.41
C THR A 55 -9.80 -6.20 -6.18
N VAL A 56 -11.13 -6.40 -6.29
CA VAL A 56 -12.01 -6.30 -5.14
C VAL A 56 -12.94 -7.50 -5.15
N ASP A 57 -12.98 -8.24 -4.03
CA ASP A 57 -13.91 -9.34 -3.87
C ASP A 57 -13.79 -10.27 -5.06
N GLU A 58 -12.57 -10.65 -5.40
CA GLU A 58 -12.25 -11.61 -6.46
C GLU A 58 -12.61 -11.20 -7.86
N GLU A 59 -12.74 -9.90 -8.09
CA GLU A 59 -12.90 -9.38 -9.42
C GLU A 59 -11.82 -8.35 -9.74
N THR A 60 -11.09 -8.62 -10.81
CA THR A 60 -9.96 -7.84 -11.22
C THR A 60 -10.39 -6.95 -12.37
N ALA A 61 -10.10 -5.66 -12.25
CA ALA A 61 -10.35 -4.69 -13.30
C ALA A 61 -9.47 -5.02 -14.50
N ASP A 62 -10.04 -4.92 -15.69
CA ASP A 62 -9.32 -5.09 -16.95
C ASP A 62 -8.83 -3.73 -17.42
N ASP A 63 -7.55 -3.48 -17.19
CA ASP A 63 -6.85 -2.25 -17.56
CA ASP A 63 -6.96 -2.17 -17.54
C ASP A 63 -6.99 -1.94 -19.05
N SER A 64 -6.91 -3.00 -19.84
CA SER A 64 -6.99 -2.84 -21.30
C SER A 64 -8.37 -2.37 -21.81
N LYS A 65 -9.41 -2.51 -20.97
CA LYS A 65 -10.75 -1.97 -21.26
C LYS A 65 -11.08 -0.74 -20.45
N GLN A 66 -10.05 -0.10 -19.93
CA GLN A 66 -10.21 1.15 -19.19
C GLN A 66 -11.08 0.94 -17.95
N GLN A 67 -11.01 -0.25 -17.34
CA GLN A 67 -11.78 -0.50 -16.13
C GLN A 67 -10.96 -0.14 -14.91
N TRP A 68 -11.66 0.31 -13.87
CA TRP A 68 -11.02 0.72 -12.66
C TRP A 68 -12.01 0.69 -11.52
N TRP A 69 -11.50 0.43 -10.32
CA TRP A 69 -12.29 0.44 -9.08
C TRP A 69 -12.35 1.84 -8.53
N CYS A 70 -13.57 2.25 -8.18
CA CYS A 70 -13.85 3.58 -7.67
C CYS A 70 -14.41 3.52 -6.28
N ILE A 71 -13.90 4.34 -5.39
CA ILE A 71 -14.37 4.42 -4.00
C ILE A 71 -15.37 5.57 -3.88
N THR A 72 -16.55 5.29 -3.30
CA THR A 72 -17.50 6.35 -2.94
C THR A 72 -17.94 6.12 -1.51
N LYS A 73 -18.51 7.17 -0.90
CA LYS A 73 -19.00 7.10 0.45
C LYS A 73 -20.42 7.64 0.39
N GLY A 74 -21.37 6.72 0.55
CA GLY A 74 -22.79 7.04 0.33
C GLY A 74 -23.03 7.62 -1.02
N GLY A 75 -22.31 7.12 -1.98
CA GLY A 75 -22.41 7.55 -3.36
C GLY A 75 -21.66 8.82 -3.71
N GLU A 76 -21.06 9.48 -2.72
CA GLU A 76 -20.31 10.67 -2.94
C GLU A 76 -18.87 10.39 -3.24
N GLN A 77 -18.29 11.25 -4.03
CA GLN A 77 -16.95 11.10 -4.46
C GLN A 77 -16.00 11.10 -3.29
N VAL A 78 -14.99 10.24 -3.31
CA VAL A 78 -13.90 10.19 -2.33
C VAL A 78 -12.63 10.57 -3.03
N ASN A 79 -11.94 11.56 -2.45
CA ASN A 79 -10.79 12.21 -3.09
C ASN A 79 -9.48 11.56 -2.77
N THR A 80 -9.49 10.74 -1.73
CA THR A 80 -8.31 10.12 -1.18
C THR A 80 -8.18 8.67 -1.67
N SER A 81 -6.96 8.17 -1.77
CA SER A 81 -6.75 6.74 -1.95
C SER A 81 -7.29 6.02 -0.71
N ALA A 82 -7.53 4.74 -0.86
CA ALA A 82 -8.12 3.97 0.27
C ALA A 82 -7.28 4.04 1.55
N ASP A 83 -5.96 4.00 1.40
CA ASP A 83 -5.09 4.03 2.54
C ASP A 83 -5.01 5.39 3.25
N GLN A 84 -5.61 6.44 2.68
CA GLN A 84 -5.68 7.76 3.25
C GLN A 84 -7.12 8.23 3.52
N THR A 85 -8.09 7.32 3.45
CA THR A 85 -9.53 7.62 3.57
C THR A 85 -9.93 7.29 5.02
N PRO A 86 -10.22 8.32 5.81
CA PRO A 86 -10.56 8.04 7.19
C PRO A 86 -11.91 7.35 7.29
N VAL A 87 -11.99 6.47 8.27
CA VAL A 87 -13.24 5.74 8.55
C VAL A 87 -13.94 6.38 9.76
N SER A 88 -15.26 6.57 9.67
CA SER A 88 -16.11 7.06 10.77
C SER A 88 -17.16 6.05 11.08
N ASP A 89 -17.57 6.03 12.35
CA ASP A 89 -18.67 5.18 12.76
C ASP A 89 -19.89 5.50 11.90
N GLY A 90 -20.52 4.44 11.42
CA GLY A 90 -21.73 4.58 10.63
C GLY A 90 -21.50 4.77 9.14
N ASP A 91 -20.25 4.86 8.71
CA ASP A 91 -19.97 5.08 7.29
C ASP A 91 -20.44 3.93 6.45
N ALA A 92 -20.88 4.29 5.26
CA ALA A 92 -21.15 3.29 4.19
C ALA A 92 -20.27 3.68 2.99
N PHE A 93 -19.40 2.78 2.58
CA PHE A 93 -18.55 2.96 1.44
C PHE A 93 -18.98 2.02 0.36
N GLU A 94 -18.70 2.42 -0.87
CA GLU A 94 -18.92 1.53 -2.03
C GLU A 94 -17.61 1.44 -2.82
N LEU A 95 -17.36 0.28 -3.38
CA LEU A 95 -16.28 0.03 -4.36
C LEU A 95 -16.98 -0.43 -5.64
N THR A 96 -16.89 0.37 -6.71
CA THR A 96 -17.62 0.11 -7.93
C THR A 96 -16.66 -0.05 -9.07
N LEU A 97 -16.92 -1.08 -9.86
CA LEU A 97 -16.14 -1.28 -11.09
C LEU A 97 -16.67 -0.35 -12.16
N LYS A 98 -15.82 0.61 -12.59
CA LYS A 98 -16.17 1.58 -13.57
C LYS A 98 -15.39 1.29 -14.85
N GLU A 99 -15.84 1.89 -15.95
CA GLU A 99 -15.20 1.76 -17.25
CA GLU A 99 -15.19 1.74 -17.23
C GLU A 99 -15.11 3.14 -17.88
N GLY A 100 -13.92 3.53 -18.26
CA GLY A 100 -13.68 4.82 -18.92
C GLY A 100 -13.75 6.01 -18.01
N TYR A 101 -13.98 7.16 -18.58
CA TYR A 101 -13.79 8.43 -17.89
C TYR A 101 -14.61 9.50 -18.56
N GLU B 6 10.31 20.34 6.26
CA GLU B 6 11.26 19.82 5.21
C GLU B 6 12.13 18.73 5.84
N LYS B 7 12.23 17.58 5.17
CA LYS B 7 13.02 16.49 5.72
C LYS B 7 13.96 15.96 4.66
N HIS B 8 15.22 15.82 5.03
CA HIS B 8 16.17 15.20 4.13
C HIS B 8 16.33 13.76 4.60
N ILE B 9 16.05 12.83 3.71
CA ILE B 9 15.98 11.40 3.98
C ILE B 9 16.89 10.70 2.98
N THR B 10 17.77 9.87 3.50
CA THR B 10 18.63 9.04 2.68
C THR B 10 18.09 7.60 2.71
N VAL B 11 18.02 6.97 1.54
CA VAL B 11 17.69 5.56 1.41
C VAL B 11 18.81 4.83 0.68
N THR B 12 19.40 3.87 1.35
CA THR B 12 20.41 3.01 0.74
C THR B 12 19.74 1.70 0.38
N VAL B 13 19.89 1.26 -0.85
CA VAL B 13 19.45 -0.06 -1.31
C VAL B 13 20.66 -0.95 -1.42
N ILE B 14 20.60 -2.06 -0.69
CA ILE B 14 21.60 -3.11 -0.73
CA ILE B 14 21.61 -3.10 -0.69
C ILE B 14 21.00 -4.27 -1.48
N HIS B 15 21.39 -4.38 -2.72
CA HIS B 15 20.88 -5.38 -3.65
C HIS B 15 21.35 -6.79 -3.26
N GLY B 16 20.71 -7.79 -3.87
CA GLY B 16 21.11 -9.18 -3.66
C GLY B 16 22.58 -9.45 -4.00
N ASP B 17 23.11 -8.80 -5.04
CA ASP B 17 24.52 -8.92 -5.45
C ASP B 17 25.43 -7.99 -4.66
N GLN B 18 24.90 -7.35 -3.60
CA GLN B 18 25.64 -6.44 -2.71
C GLN B 18 26.03 -5.10 -3.34
N THR B 19 25.50 -4.77 -4.50
CA THR B 19 25.54 -3.40 -5.02
CA THR B 19 25.64 -3.40 -4.96
C THR B 19 24.79 -2.49 -4.05
N GLU B 20 25.34 -1.34 -3.76
CA GLU B 20 24.75 -0.36 -2.88
C GLU B 20 24.43 0.84 -3.71
N ASN B 21 23.17 1.26 -3.70
CA ASN B 21 22.77 2.47 -4.39
C ASN B 21 22.08 3.38 -3.37
N VAL B 22 22.40 4.65 -3.42
CA VAL B 22 21.97 5.61 -2.44
C VAL B 22 21.13 6.66 -3.11
N PHE B 23 19.98 6.89 -2.52
CA PHE B 23 18.98 7.85 -3.01
C PHE B 23 18.70 8.87 -1.91
N GLU B 24 18.65 10.14 -2.26
CA GLU B 24 18.42 11.19 -1.28
CA GLU B 24 18.44 11.24 -1.32
C GLU B 24 17.14 11.88 -1.67
N PHE B 25 16.37 12.25 -0.67
CA PHE B 25 15.05 12.83 -0.87
C PHE B 25 14.93 14.05 0.01
N ASP B 26 14.30 15.12 -0.48
CA ASP B 26 13.90 16.25 0.39
C ASP B 26 12.42 16.30 0.29
N THR B 27 11.75 15.99 1.40
CA THR B 27 10.37 15.60 1.40
C THR B 27 9.63 16.14 2.61
N ASP B 28 8.34 16.41 2.43
CA ASP B 28 7.38 16.67 3.55
C ASP B 28 6.62 15.42 4.01
N ALA B 29 6.98 14.26 3.47
CA ALA B 29 6.36 12.98 3.85
C ALA B 29 6.35 12.74 5.35
N LYS B 30 5.29 12.11 5.82
CA LYS B 30 5.21 11.67 7.20
C LYS B 30 5.76 10.26 7.33
N TYR B 31 5.51 9.42 6.33
CA TYR B 31 5.82 7.97 6.36
C TYR B 31 6.71 7.50 5.21
N LEU B 32 7.49 6.47 5.49
CA LEU B 32 8.51 6.01 4.57
C LEU B 32 7.95 5.52 3.24
N GLY B 33 6.82 4.83 3.26
CA GLY B 33 6.21 4.36 1.99
C GLY B 33 5.98 5.48 0.98
N GLU B 34 5.54 6.64 1.47
CA GLU B 34 5.32 7.77 0.58
CA GLU B 34 5.32 7.84 0.64
C GLU B 34 6.65 8.25 -0.01
N VAL B 35 7.72 8.29 0.81
CA VAL B 35 9.04 8.65 0.31
C VAL B 35 9.48 7.71 -0.80
N LEU B 36 9.39 6.43 -0.51
CA LEU B 36 9.84 5.42 -1.46
C LEU B 36 9.08 5.47 -2.78
N GLU B 37 7.75 5.65 -2.72
CA GLU B 37 6.96 5.71 -3.93
C GLU B 37 6.98 7.03 -4.68
N SER B 38 7.53 8.09 -4.05
CA SER B 38 7.56 9.40 -4.68
C SER B 38 8.31 9.36 -6.01
N GLU B 39 9.36 8.50 -6.13
CA GLU B 39 10.10 8.28 -7.37
CA GLU B 39 10.10 8.30 -7.37
C GLU B 39 10.00 6.84 -7.87
N ASN B 40 8.93 6.15 -7.43
CA ASN B 40 8.72 4.79 -7.81
C ASN B 40 9.98 3.93 -7.60
N LEU B 41 10.55 4.05 -6.43
CA LEU B 41 11.75 3.26 -6.08
C LEU B 41 11.38 1.85 -5.68
N VAL B 42 10.15 1.61 -5.30
CA VAL B 42 9.70 0.28 -4.87
C VAL B 42 8.40 -0.04 -5.52
N ASP B 43 8.09 -1.33 -5.54
CA ASP B 43 6.73 -1.85 -5.76
C ASP B 43 6.36 -2.71 -4.57
N GLY B 44 5.12 -2.52 -4.13
CA GLY B 44 4.55 -3.29 -3.05
C GLY B 44 3.09 -3.53 -3.18
N GLU B 45 2.64 -4.47 -2.39
CA GLU B 45 1.25 -4.88 -2.36
C GLU B 45 0.68 -4.55 -0.97
N SER B 46 -0.55 -4.09 -0.95
CA SER B 46 -1.20 -3.80 0.30
C SER B 46 -1.53 -5.10 1.03
N GLY B 47 -1.77 -5.02 2.33
CA GLY B 47 -2.30 -6.14 3.05
C GLY B 47 -2.50 -5.76 4.48
N GLU B 48 -2.91 -6.75 5.27
CA GLU B 48 -3.40 -6.42 6.60
C GLU B 48 -2.36 -5.91 7.60
N TYR B 49 -1.07 -6.20 7.37
CA TYR B 49 -0.02 -5.66 8.23
C TYR B 49 0.73 -4.53 7.56
N GLY B 50 0.19 -4.00 6.47
CA GLY B 50 0.86 -2.93 5.76
C GLY B 50 1.56 -3.43 4.52
N LEU B 51 2.26 -2.52 3.88
CA LEU B 51 2.84 -2.77 2.57
C LEU B 51 3.86 -3.89 2.59
N PHE B 52 3.72 -4.81 1.64
CA PHE B 52 4.67 -5.89 1.42
C PHE B 52 5.46 -5.50 0.16
N ILE B 53 6.72 -5.13 0.37
CA ILE B 53 7.59 -4.68 -0.68
C ILE B 53 8.20 -5.85 -1.37
N THR B 54 7.96 -5.97 -2.68
CA THR B 54 8.49 -7.06 -3.50
C THR B 54 9.65 -6.65 -4.39
N THR B 55 9.67 -5.39 -4.84
CA THR B 55 10.68 -4.91 -5.78
C THR B 55 11.27 -3.62 -5.24
N VAL B 56 12.60 -3.51 -5.25
CA VAL B 56 13.28 -2.28 -4.87
C VAL B 56 14.32 -2.00 -5.92
N ASP B 57 14.26 -0.82 -6.54
CA ASP B 57 15.27 -0.39 -7.50
C ASP B 57 15.56 -1.44 -8.56
N GLU B 58 14.47 -1.92 -9.14
CA GLU B 58 14.45 -2.85 -10.23
C GLU B 58 14.96 -4.24 -9.87
N GLU B 59 14.95 -4.63 -8.60
CA GLU B 59 15.26 -5.95 -8.20
C GLU B 59 14.08 -6.55 -7.44
N THR B 60 13.54 -7.66 -7.94
CA THR B 60 12.42 -8.35 -7.37
C THR B 60 12.89 -9.52 -6.52
N ALA B 61 12.39 -9.60 -5.28
CA ALA B 61 12.68 -10.72 -4.40
C ALA B 61 12.07 -12.01 -4.95
N ASP B 62 12.84 -13.06 -4.95
CA ASP B 62 12.36 -14.35 -5.40
C ASP B 62 11.84 -15.13 -4.20
N ASP B 63 10.51 -15.16 -4.10
CA ASP B 63 9.82 -15.91 -3.08
C ASP B 63 10.19 -17.38 -3.02
N SER B 64 10.44 -18.01 -4.15
CA SER B 64 10.79 -19.43 -4.15
C SER B 64 12.13 -19.68 -3.50
N LYS B 65 12.93 -18.62 -3.37
CA LYS B 65 14.24 -18.65 -2.73
CA LYS B 65 14.23 -18.71 -2.69
C LYS B 65 14.19 -18.09 -1.30
N GLN B 66 12.99 -17.86 -0.81
CA GLN B 66 12.72 -17.26 0.51
CA GLN B 66 12.79 -17.29 0.53
C GLN B 66 13.45 -15.91 0.68
N GLN B 67 13.48 -15.16 -0.40
CA GLN B 67 14.04 -13.82 -0.39
C GLN B 67 12.96 -12.81 -0.01
N TRP B 68 13.41 -11.75 0.64
CA TRP B 68 12.55 -10.70 1.07
C TRP B 68 13.31 -9.42 1.32
N TRP B 69 12.63 -8.31 1.08
CA TRP B 69 13.18 -6.99 1.36
C TRP B 69 12.96 -6.57 2.83
N CYS B 70 14.06 -6.10 3.43
CA CYS B 70 14.08 -5.73 4.84
C CYS B 70 14.36 -4.25 4.98
N ILE B 71 13.55 -3.59 5.79
CA ILE B 71 13.79 -2.17 6.11
C ILE B 71 14.60 -2.06 7.43
N THR B 72 15.70 -1.32 7.41
CA THR B 72 16.42 -0.91 8.60
C THR B 72 16.57 0.60 8.61
N LYS B 73 16.89 1.12 9.78
CA LYS B 73 17.14 2.52 9.98
C LYS B 73 18.52 2.67 10.60
N GLY B 74 19.46 3.12 9.81
CA GLY B 74 20.87 3.12 10.25
C GLY B 74 21.33 1.75 10.71
N GLY B 75 20.78 0.70 10.06
CA GLY B 75 21.09 -0.67 10.36
C GLY B 75 20.22 -1.32 11.45
N GLU B 76 19.44 -0.51 12.17
CA GLU B 76 18.60 -0.99 13.28
C GLU B 76 17.29 -1.54 12.71
N GLN B 77 16.81 -2.57 13.37
CA GLN B 77 15.58 -3.17 12.96
C GLN B 77 14.41 -2.21 13.02
N VAL B 78 13.59 -2.23 11.97
CA VAL B 78 12.33 -1.50 11.89
C VAL B 78 11.19 -2.52 11.98
N ASN B 79 10.34 -2.46 13.01
N ASN B 79 10.28 -2.20 12.91
CA ASN B 79 9.21 -3.43 13.13
CA ASN B 79 9.18 -3.08 13.33
C ASN B 79 7.87 -2.93 12.56
C ASN B 79 7.97 -3.02 12.41
N THR B 80 7.88 -1.88 11.75
CA THR B 80 6.71 -1.40 11.06
C THR B 80 6.85 -1.57 9.56
N SER B 81 5.72 -1.69 8.88
CA SER B 81 5.67 -1.68 7.41
C SER B 81 6.07 -0.29 6.94
N ALA B 82 6.48 -0.18 5.71
CA ALA B 82 6.95 1.10 5.19
C ALA B 82 5.90 2.17 5.34
N ASP B 83 4.66 1.82 5.04
CA ASP B 83 3.57 2.80 5.13
C ASP B 83 3.21 3.22 6.55
N GLN B 84 3.75 2.56 7.55
CA GLN B 84 3.52 2.89 8.95
C GLN B 84 4.78 3.36 9.68
N THR B 85 5.87 3.54 8.94
CA THR B 85 7.18 3.90 9.49
C THR B 85 7.35 5.42 9.39
N PRO B 86 7.31 6.15 10.55
CA PRO B 86 7.46 7.61 10.53
CA PRO B 86 7.42 7.59 10.35
C PRO B 86 8.85 8.02 10.02
N VAL B 87 8.92 9.07 9.24
CA VAL B 87 10.24 9.60 8.79
C VAL B 87 10.48 10.95 9.45
N SER B 88 11.75 11.20 9.63
CA SER B 88 12.22 12.41 10.30
C SER B 88 13.35 13.00 9.51
N ASP B 89 13.56 14.29 9.65
CA ASP B 89 14.68 14.95 9.00
C ASP B 89 15.98 14.37 9.50
N GLY B 90 16.85 13.98 8.55
CA GLY B 90 18.11 13.38 8.89
C GLY B 90 18.15 11.87 8.88
N ASP B 91 16.96 11.26 8.76
CA ASP B 91 16.87 9.82 8.78
C ASP B 91 17.62 9.19 7.59
N ALA B 92 18.26 8.07 7.88
CA ALA B 92 18.82 7.17 6.87
C ALA B 92 18.11 5.84 7.07
N PHE B 93 17.59 5.32 5.98
CA PHE B 93 16.99 4.01 5.96
C PHE B 93 17.70 3.18 4.94
N GLU B 94 17.62 1.86 5.12
CA GLU B 94 18.18 0.91 4.18
C GLU B 94 17.13 -0.12 3.83
N LEU B 95 17.18 -0.55 2.59
CA LEU B 95 16.35 -1.63 2.05
C LEU B 95 17.34 -2.69 1.57
N THR B 96 17.32 -3.85 2.24
CA THR B 96 18.26 -4.91 2.00
C THR B 96 17.57 -6.17 1.56
N LEU B 97 18.10 -6.84 0.56
CA LEU B 97 17.55 -8.11 0.16
C LEU B 97 18.13 -9.17 1.07
N LYS B 98 17.24 -9.84 1.81
CA LYS B 98 17.59 -10.93 2.68
C LYS B 98 17.12 -12.26 2.12
N GLU B 99 17.67 -13.34 2.66
CA GLU B 99 17.23 -14.70 2.29
C GLU B 99 17.08 -15.50 3.56
N GLY B 100 15.95 -16.14 3.69
CA GLY B 100 15.76 -16.97 4.86
C GLY B 100 15.43 -16.20 6.13
N TYR B 101 15.49 -16.90 7.25
CA TYR B 101 15.00 -16.37 8.54
C TYR B 101 15.70 -17.10 9.69
#